data_6PZJ
#
_entry.id   6PZJ
#
_cell.length_a   72.090
_cell.length_b   72.090
_cell.length_c   116.890
_cell.angle_alpha   90.000
_cell.angle_beta   90.000
_cell.angle_gamma   90.000
#
_symmetry.space_group_name_H-M   'P 41 21 2'
#
loop_
_entity.id
_entity.type
_entity.pdbx_description
1 polymer 'Methyl-accepting chemotaxis protein'
2 non-polymer 'CHLORIDE ION'
3 non-polymer 1,2-ETHANEDIOL
4 water water
#
_entity_poly.entity_id   1
_entity_poly.type   'polypeptide(L)'
_entity_poly.pdbx_seq_one_letter_code
;MAHHHHHHMEITAERWTYEVKDYLDTGMGIIRGFRFPLLFSAPPRNQIIAALREILKVNDHYFGARLAYEPNSLDGNDLE
FQNTLGHDSTGRFIPYLHRGQTKEEIVLEDAKYYDSLGPEGDWYQVPKKTKSHYATDPYYYEIKGKVKILMMSLMVPLYV
NDQFYGVAGLDYQLEELQQRIGVKKPFQDLGYLTLISPKGIYAVNGFDSNRVGEKISDAKELEYYLSKSQEGEKFTTDSD
GYTHYYFPFHIGKDKRYWVMQVSIPNSIYKE
;
_entity_poly.pdbx_strand_id   A
#
loop_
_chem_comp.id
_chem_comp.type
_chem_comp.name
_chem_comp.formula
CL non-polymer 'CHLORIDE ION' 'Cl -1'
EDO non-polymer 1,2-ETHANEDIOL 'C2 H6 O2'
#
# COMPACT_ATOMS: atom_id res chain seq x y z
N HIS A 4 3.76 -13.85 -33.98
CA HIS A 4 4.71 -14.39 -33.02
C HIS A 4 5.21 -13.29 -32.08
N HIS A 5 5.44 -12.10 -32.64
CA HIS A 5 5.86 -10.98 -31.81
C HIS A 5 4.80 -10.63 -30.77
N HIS A 6 3.52 -10.79 -31.10
CA HIS A 6 2.47 -10.49 -30.12
C HIS A 6 2.50 -11.46 -28.96
N HIS A 7 2.64 -12.76 -29.24
CA HIS A 7 2.73 -13.73 -28.13
C HIS A 7 3.85 -13.33 -27.19
N HIS A 8 5.02 -13.01 -27.74
CA HIS A 8 6.18 -12.66 -26.94
C HIS A 8 5.91 -11.47 -26.03
N MET A 9 5.24 -10.44 -26.56
CA MET A 9 4.94 -9.25 -25.76
C MET A 9 3.89 -9.55 -24.69
N GLU A 10 2.88 -10.34 -25.02
CA GLU A 10 1.80 -10.58 -24.05
CA GLU A 10 1.79 -10.60 -24.07
C GLU A 10 2.27 -11.43 -22.88
N ILE A 11 3.06 -12.47 -23.13
CA ILE A 11 3.56 -13.26 -22.01
C ILE A 11 4.57 -12.45 -21.22
N THR A 12 5.30 -11.55 -21.89
CA THR A 12 6.18 -10.63 -21.18
C THR A 12 5.39 -9.80 -20.18
N ALA A 13 4.25 -9.24 -20.62
CA ALA A 13 3.40 -8.49 -19.70
C ALA A 13 2.95 -9.34 -18.53
N GLU A 14 2.61 -10.61 -18.78
CA GLU A 14 2.16 -11.44 -17.66
C GLU A 14 3.30 -11.72 -16.71
N ARG A 15 4.51 -11.92 -17.24
CA ARG A 15 5.66 -12.13 -16.36
C ARG A 15 5.91 -10.94 -15.45
N TRP A 16 5.76 -9.72 -15.98
CA TRP A 16 5.95 -8.55 -15.11
C TRP A 16 4.86 -8.44 -14.07
N THR A 17 3.63 -8.83 -14.44
CA THR A 17 2.53 -8.79 -13.47
C THR A 17 2.83 -9.67 -12.27
N TYR A 18 3.30 -10.91 -12.52
CA TYR A 18 3.60 -11.80 -11.39
C TYR A 18 4.83 -11.33 -10.60
N GLU A 19 5.80 -10.70 -11.26
CA GLU A 19 6.95 -10.20 -10.49
C GLU A 19 6.52 -9.08 -9.53
N VAL A 20 5.66 -8.17 -10.00
CA VAL A 20 5.18 -7.10 -9.14
C VAL A 20 4.23 -7.65 -8.06
N LYS A 21 3.35 -8.57 -8.45
CA LYS A 21 2.47 -9.21 -7.48
C LYS A 21 3.26 -9.92 -6.38
N ASP A 22 4.34 -10.60 -6.75
CA ASP A 22 5.19 -11.23 -5.75
C ASP A 22 5.71 -10.21 -4.74
N TYR A 23 6.18 -9.06 -5.24
CA TYR A 23 6.75 -8.06 -4.36
C TYR A 23 5.70 -7.52 -3.39
N LEU A 24 4.50 -7.21 -3.89
CA LEU A 24 3.43 -6.68 -3.03
C LEU A 24 2.89 -7.74 -2.08
N ASP A 25 2.74 -8.97 -2.59
CA ASP A 25 2.26 -10.08 -1.77
C ASP A 25 3.21 -10.41 -0.62
N THR A 26 4.52 -10.20 -0.81
CA THR A 26 5.47 -10.45 0.29
C THR A 26 5.22 -9.51 1.44
N GLY A 27 5.09 -8.21 1.14
CA GLY A 27 4.77 -7.26 2.19
C GLY A 27 3.41 -7.51 2.82
N MET A 28 2.40 -7.84 2.01
CA MET A 28 1.09 -8.13 2.58
C MET A 28 1.15 -9.38 3.45
N GLY A 29 1.94 -10.37 3.04
CA GLY A 29 2.10 -11.57 3.86
C GLY A 29 2.70 -11.26 5.23
N ILE A 30 3.71 -10.38 5.26
CA ILE A 30 4.35 -10.03 6.52
C ILE A 30 3.33 -9.42 7.47
N ILE A 31 2.53 -8.47 6.99
CA ILE A 31 1.62 -7.84 7.93
C ILE A 31 0.46 -8.77 8.27
N ARG A 32 0.07 -9.66 7.35
CA ARG A 32 -0.91 -10.69 7.70
C ARG A 32 -0.42 -11.55 8.86
N GLY A 33 0.84 -12.02 8.78
CA GLY A 33 1.32 -12.91 9.83
C GLY A 33 1.49 -12.18 11.15
N PHE A 34 1.87 -10.90 11.08
CA PHE A 34 2.12 -10.12 12.28
C PHE A 34 0.90 -10.03 13.17
N ARG A 35 -0.29 -10.00 12.57
CA ARG A 35 -1.51 -9.80 13.37
C ARG A 35 -1.85 -10.99 14.26
N PHE A 36 -1.43 -12.21 13.92
CA PHE A 36 -2.00 -13.37 14.60
C PHE A 36 -1.71 -13.41 16.09
N PRO A 37 -0.49 -13.15 16.58
CA PRO A 37 -0.33 -13.12 18.05
C PRO A 37 -1.18 -12.05 18.71
N LEU A 38 -1.44 -10.95 18.01
CA LEU A 38 -2.21 -9.86 18.57
C LEU A 38 -3.72 -10.12 18.52
N LEU A 39 -4.18 -11.18 17.85
CA LEU A 39 -5.60 -11.55 17.95
C LEU A 39 -5.94 -12.23 19.26
N PHE A 40 -4.94 -12.68 20.01
CA PHE A 40 -5.18 -13.46 21.21
C PHE A 40 -4.43 -12.95 22.44
N SER A 41 -3.49 -12.03 22.28
CA SER A 41 -2.64 -11.57 23.37
CA SER A 41 -2.66 -11.57 23.38
C SER A 41 -2.56 -10.05 23.38
N ALA A 42 -2.27 -9.51 24.56
CA ALA A 42 -2.09 -8.07 24.74
C ALA A 42 -0.77 -7.83 25.48
N PRO A 43 0.35 -7.86 24.77
CA PRO A 43 1.63 -7.60 25.43
C PRO A 43 1.71 -6.16 25.91
N PRO A 44 2.67 -5.85 26.79
CA PRO A 44 2.92 -4.46 27.15
C PRO A 44 3.15 -3.59 25.91
N ARG A 45 2.63 -2.36 25.96
CA ARG A 45 2.66 -1.51 24.76
C ARG A 45 4.08 -1.30 24.25
N ASN A 46 5.07 -1.18 25.15
CA ASN A 46 6.44 -0.93 24.71
C ASN A 46 7.00 -2.09 23.89
N GLN A 47 6.60 -3.32 24.23
CA GLN A 47 7.07 -4.49 23.48
C GLN A 47 6.42 -4.55 22.10
N ILE A 48 5.17 -4.10 21.96
CA ILE A 48 4.53 -4.09 20.65
C ILE A 48 5.20 -3.07 19.74
N ILE A 49 5.56 -1.91 20.31
CA ILE A 49 6.28 -0.90 19.53
C ILE A 49 7.63 -1.45 19.07
N ALA A 50 8.33 -2.17 19.94
CA ALA A 50 9.61 -2.79 19.57
C ALA A 50 9.41 -3.79 18.43
N ALA A 51 8.30 -4.53 18.45
CA ALA A 51 8.06 -5.48 17.37
C ALA A 51 7.84 -4.76 16.04
N LEU A 52 7.05 -3.68 16.03
CA LEU A 52 6.83 -2.89 14.82
C LEU A 52 8.13 -2.30 14.32
N ARG A 53 8.92 -1.72 15.22
CA ARG A 53 10.23 -1.17 14.86
C ARG A 53 11.12 -2.23 14.21
N GLU A 54 11.06 -3.46 14.72
CA GLU A 54 11.97 -4.50 14.22
C GLU A 54 11.67 -4.86 12.77
N ILE A 55 10.39 -4.86 12.37
CA ILE A 55 10.05 -5.11 10.95
C ILE A 55 10.87 -4.20 10.06
N LEU A 56 10.88 -2.90 10.38
CA LEU A 56 11.60 -1.93 9.56
C LEU A 56 13.12 -2.08 9.70
N LYS A 57 13.61 -2.39 10.91
CA LYS A 57 15.04 -2.54 11.10
C LYS A 57 15.62 -3.58 10.15
N VAL A 58 14.91 -4.69 9.93
CA VAL A 58 15.48 -5.82 9.18
C VAL A 58 14.91 -5.93 7.77
N ASN A 59 14.10 -4.96 7.32
CA ASN A 59 13.48 -4.95 5.98
C ASN A 59 13.51 -3.52 5.43
N ASP A 60 14.52 -3.19 4.64
CA ASP A 60 14.54 -1.81 4.16
C ASP A 60 13.65 -1.56 2.95
N HIS A 61 12.86 -2.55 2.49
CA HIS A 61 11.85 -2.26 1.48
C HIS A 61 10.81 -1.27 1.98
N TYR A 62 10.49 -1.31 3.27
CA TYR A 62 9.25 -0.73 3.77
C TYR A 62 9.55 0.60 4.47
N PHE A 63 8.62 1.53 4.33
CA PHE A 63 8.80 2.87 4.92
C PHE A 63 8.25 2.97 6.34
N GLY A 64 7.15 2.28 6.63
CA GLY A 64 6.50 2.43 7.93
C GLY A 64 5.73 1.19 8.33
N ALA A 65 5.49 1.08 9.64
CA ALA A 65 4.70 0.00 10.21
C ALA A 65 3.77 0.62 11.25
N ARG A 66 2.48 0.34 11.16
CA ARG A 66 1.51 1.04 12.00
C ARG A 66 0.54 0.06 12.63
N LEU A 67 0.08 0.41 13.83
CA LEU A 67 -0.96 -0.34 14.50
C LEU A 67 -1.91 0.68 15.09
N ALA A 68 -3.21 0.44 15.01
CA ALA A 68 -4.14 1.33 15.71
C ALA A 68 -5.30 0.50 16.24
N TYR A 69 -5.56 0.60 17.55
CA TYR A 69 -6.66 -0.12 18.18
C TYR A 69 -7.90 0.76 18.38
N GLU A 70 -9.08 0.09 18.41
CA GLU A 70 -10.29 0.73 18.91
C GLU A 70 -10.09 1.17 20.36
N PRO A 71 -10.93 2.08 20.84
CA PRO A 71 -10.78 2.53 22.23
C PRO A 71 -10.80 1.41 23.25
N ASN A 72 -9.74 1.35 24.07
CA ASN A 72 -9.56 0.38 25.16
C ASN A 72 -9.50 -1.07 24.70
N SER A 73 -9.33 -1.33 23.40
CA SER A 73 -9.40 -2.69 22.90
C SER A 73 -8.15 -3.50 23.15
N LEU A 74 -6.99 -2.88 23.33
CA LEU A 74 -5.78 -3.67 23.60
C LEU A 74 -5.80 -4.20 25.03
N ASP A 75 -5.97 -3.30 26.01
CA ASP A 75 -5.73 -3.68 27.39
C ASP A 75 -6.65 -2.94 28.37
N GLY A 76 -7.65 -2.21 27.89
CA GLY A 76 -8.56 -1.50 28.79
C GLY A 76 -7.90 -0.39 29.58
N ASN A 77 -6.74 0.08 29.15
CA ASN A 77 -5.90 0.93 29.97
C ASN A 77 -5.52 2.23 29.26
N ASP A 78 -6.40 2.71 28.36
CA ASP A 78 -6.07 3.89 27.55
C ASP A 78 -5.81 5.12 28.42
N LEU A 79 -6.57 5.26 29.51
CA LEU A 79 -6.47 6.47 30.32
C LEU A 79 -5.05 6.70 30.82
N GLU A 80 -4.32 5.62 31.11
CA GLU A 80 -2.95 5.74 31.62
C GLU A 80 -1.99 6.33 30.59
N PHE A 81 -2.30 6.25 29.30
CA PHE A 81 -1.35 6.66 28.28
C PHE A 81 -1.78 7.92 27.52
N GLN A 82 -2.81 8.62 28.01
CA GLN A 82 -3.26 9.85 27.36
C GLN A 82 -2.10 10.81 27.12
N ASN A 83 -2.03 11.34 25.90
CA ASN A 83 -1.10 12.43 25.54
C ASN A 83 0.36 12.03 25.66
N THR A 84 0.65 10.73 25.59
CA THR A 84 2.02 10.25 25.45
C THR A 84 2.28 9.93 23.98
N LEU A 85 3.54 9.71 23.63
CA LEU A 85 3.86 9.45 22.23
C LEU A 85 3.31 8.08 21.82
N GLY A 86 2.85 8.00 20.56
CA GLY A 86 2.16 6.83 20.04
C GLY A 86 0.73 6.69 20.52
N HIS A 87 0.14 7.76 21.05
CA HIS A 87 -1.16 7.73 21.69
C HIS A 87 -1.92 9.00 21.35
N ASP A 88 -3.24 8.91 21.33
CA ASP A 88 -4.05 10.09 21.12
C ASP A 88 -4.29 10.77 22.47
N SER A 89 -5.19 11.76 22.52
CA SER A 89 -5.47 12.42 23.79
C SER A 89 -6.31 11.56 24.72
N THR A 90 -6.96 10.51 24.20
CA THR A 90 -7.68 9.56 25.06
C THR A 90 -6.83 8.35 25.41
N GLY A 91 -5.62 8.25 24.86
CA GLY A 91 -4.78 7.12 25.18
C GLY A 91 -5.01 5.90 24.32
N ARG A 92 -5.71 6.06 23.20
CA ARG A 92 -5.77 5.00 22.20
C ARG A 92 -4.37 4.61 21.76
N PHE A 93 -4.13 3.31 21.63
CA PHE A 93 -2.83 2.81 21.21
C PHE A 93 -2.74 2.90 19.70
N ILE A 94 -1.94 3.82 19.19
CA ILE A 94 -1.86 4.14 17.77
C ILE A 94 -0.41 4.34 17.33
N PRO A 95 0.52 3.41 17.63
CA PRO A 95 1.93 3.63 17.24
C PRO A 95 2.16 3.62 15.74
N TYR A 96 2.93 4.59 15.26
CA TYR A 96 3.40 4.60 13.88
C TYR A 96 4.91 4.69 13.92
N LEU A 97 5.58 3.69 13.34
CA LEU A 97 7.03 3.64 13.22
C LEU A 97 7.37 3.88 11.76
N HIS A 98 8.34 4.77 11.49
CA HIS A 98 8.67 5.04 10.09
C HIS A 98 10.10 5.54 9.97
N ARG A 99 10.60 5.52 8.74
CA ARG A 99 11.95 5.99 8.46
C ARG A 99 12.12 7.46 8.79
N GLY A 100 13.29 7.80 9.36
CA GLY A 100 13.64 9.17 9.68
C GLY A 100 14.54 9.81 8.65
N GLN A 101 15.44 10.68 9.14
CA GLN A 101 16.36 11.42 8.26
C GLN A 101 17.34 10.50 7.55
N THR A 102 17.65 9.35 8.13
CA THR A 102 18.35 8.28 7.44
C THR A 102 17.50 7.02 7.50
N LYS A 103 17.80 6.06 6.63
CA LYS A 103 17.06 4.80 6.67
C LYS A 103 17.30 4.06 7.99
N GLU A 104 18.50 4.21 8.55
CA GLU A 104 18.84 3.59 9.82
C GLU A 104 18.08 4.18 11.00
N GLU A 105 17.54 5.39 10.85
CA GLU A 105 16.77 6.03 11.90
C GLU A 105 15.31 5.63 11.77
N ILE A 106 14.73 5.13 12.86
CA ILE A 106 13.31 4.78 12.91
CA ILE A 106 13.31 4.78 12.92
C ILE A 106 12.65 5.65 13.98
N VAL A 107 11.58 6.34 13.59
CA VAL A 107 10.91 7.35 14.41
C VAL A 107 9.57 6.79 14.87
N LEU A 108 9.18 7.11 16.10
CA LEU A 108 7.85 6.77 16.62
C LEU A 108 7.00 8.03 16.70
N GLU A 109 5.78 7.98 16.14
CA GLU A 109 4.83 9.06 16.36
C GLU A 109 3.43 8.45 16.44
N ASP A 110 2.43 9.30 16.69
CA ASP A 110 1.03 8.85 16.72
CA ASP A 110 1.07 8.78 16.71
C ASP A 110 0.53 8.69 15.29
N ALA A 111 -0.13 7.56 15.02
CA ALA A 111 -0.81 7.42 13.74
C ALA A 111 -1.85 8.53 13.58
N LYS A 112 -1.86 9.16 12.43
CA LYS A 112 -2.79 10.24 12.11
C LYS A 112 -3.94 9.72 11.28
N TYR A 113 -5.08 10.41 11.37
CA TYR A 113 -6.22 10.35 10.42
C TYR A 113 -7.06 9.09 10.52
N TYR A 114 -6.96 8.29 11.59
CA TYR A 114 -7.80 7.12 11.68
C TYR A 114 -9.28 7.48 11.77
N ASP A 115 -9.60 8.74 12.10
CA ASP A 115 -10.98 9.21 12.16
C ASP A 115 -11.39 10.04 10.94
N SER A 116 -10.59 10.05 9.88
CA SER A 116 -10.87 10.87 8.71
C SER A 116 -11.68 10.10 7.67
N LEU A 117 -12.67 10.78 7.10
CA LEU A 117 -13.39 10.22 5.97
C LEU A 117 -12.73 10.59 4.63
N GLY A 118 -11.64 11.35 4.66
CA GLY A 118 -10.84 11.58 3.47
C GLY A 118 -9.97 10.38 3.15
N PRO A 119 -9.33 10.44 1.98
CA PRO A 119 -8.49 9.29 1.57
C PRO A 119 -7.39 8.96 2.54
N GLU A 120 -6.93 9.94 3.32
CA GLU A 120 -5.87 9.70 4.27
C GLU A 120 -6.34 8.92 5.49
N GLY A 121 -7.66 8.69 5.63
CA GLY A 121 -8.18 7.84 6.69
C GLY A 121 -8.50 6.43 6.19
N ASP A 122 -8.36 6.16 4.89
CA ASP A 122 -8.81 4.88 4.33
C ASP A 122 -8.12 3.70 5.01
N TRP A 123 -6.85 3.88 5.40
CA TRP A 123 -6.08 2.78 6.02
C TRP A 123 -6.79 2.22 7.26
N TYR A 124 -7.52 3.06 7.99
CA TYR A 124 -8.26 2.57 9.16
C TYR A 124 -9.72 2.32 8.85
N GLN A 125 -10.36 3.26 8.14
CA GLN A 125 -11.80 3.23 7.97
C GLN A 125 -12.25 2.09 7.08
N VAL A 126 -11.49 1.77 6.03
CA VAL A 126 -12.00 0.74 5.12
C VAL A 126 -11.88 -0.63 5.79
N PRO A 127 -10.76 -1.00 6.41
CA PRO A 127 -10.76 -2.29 7.14
C PRO A 127 -11.80 -2.33 8.24
N LYS A 128 -12.06 -1.19 8.89
CA LYS A 128 -13.06 -1.19 9.95
C LYS A 128 -14.45 -1.47 9.39
N LYS A 129 -14.81 -0.81 8.28
CA LYS A 129 -16.16 -0.94 7.79
C LYS A 129 -16.38 -2.23 7.02
N THR A 130 -15.36 -2.72 6.30
CA THR A 130 -15.53 -3.90 5.46
C THR A 130 -15.05 -5.19 6.11
N LYS A 131 -14.27 -5.09 7.19
CA LYS A 131 -13.63 -6.22 7.85
C LYS A 131 -12.70 -6.99 6.90
N SER A 132 -12.22 -6.35 5.84
CA SER A 132 -11.43 -7.03 4.81
C SER A 132 -9.99 -6.57 4.87
N HIS A 133 -9.09 -7.45 4.42
CA HIS A 133 -7.72 -7.02 4.14
C HIS A 133 -7.77 -6.01 2.99
N TYR A 134 -6.83 -5.04 2.98
CA TYR A 134 -7.01 -3.88 2.09
C TYR A 134 -5.67 -3.20 1.79
N ALA A 135 -5.31 -3.09 0.51
CA ALA A 135 -4.23 -2.22 0.08
C ALA A 135 -4.82 -0.87 -0.33
N THR A 136 -4.40 0.21 0.35
CA THR A 136 -4.99 1.51 0.06
C THR A 136 -4.55 2.01 -1.30
N ASP A 137 -5.40 2.83 -1.93
CA ASP A 137 -4.93 3.68 -3.01
C ASP A 137 -3.80 4.58 -2.49
N PRO A 138 -2.96 5.10 -3.38
CA PRO A 138 -1.92 6.04 -2.95
C PRO A 138 -2.50 7.26 -2.28
N TYR A 139 -1.85 7.70 -1.20
CA TYR A 139 -2.27 8.89 -0.48
C TYR A 139 -1.06 9.58 0.15
N TYR A 140 -1.23 10.85 0.49
CA TYR A 140 -0.23 11.65 1.17
C TYR A 140 -0.47 11.59 2.67
N TYR A 141 0.58 11.26 3.42
CA TYR A 141 0.56 11.13 4.88
C TYR A 141 1.58 12.10 5.48
N GLU A 142 1.16 12.93 6.44
CA GLU A 142 2.06 13.93 7.00
C GLU A 142 2.79 13.36 8.21
N ILE A 143 4.12 13.44 8.19
CA ILE A 143 4.92 12.92 9.30
C ILE A 143 5.48 14.09 10.09
N LYS A 144 6.24 13.80 11.14
CA LYS A 144 6.88 14.85 11.92
C LYS A 144 7.81 15.67 11.04
N GLY A 145 7.75 16.98 11.22
CA GLY A 145 8.51 17.91 10.41
C GLY A 145 7.73 18.60 9.32
N LYS A 146 6.40 18.43 9.28
CA LYS A 146 5.55 19.01 8.24
C LYS A 146 5.98 18.55 6.85
N VAL A 147 6.25 17.26 6.72
CA VAL A 147 6.61 16.63 5.46
C VAL A 147 5.52 15.65 5.08
N LYS A 148 5.05 15.73 3.84
CA LYS A 148 4.04 14.79 3.36
C LYS A 148 4.70 13.70 2.54
N ILE A 149 4.41 12.45 2.90
CA ILE A 149 5.00 11.27 2.27
C ILE A 149 3.91 10.61 1.43
N LEU A 150 4.16 10.49 0.13
CA LEU A 150 3.21 9.79 -0.74
C LEU A 150 3.44 8.29 -0.64
N MET A 151 2.40 7.52 -0.29
CA MET A 151 2.58 6.13 0.09
C MET A 151 1.34 5.32 -0.25
N MET A 152 1.47 4.00 -0.20
CA MET A 152 0.31 3.12 -0.12
C MET A 152 0.53 2.21 1.07
N SER A 153 -0.56 1.76 1.68
CA SER A 153 -0.47 1.01 2.93
C SER A 153 -1.17 -0.33 2.77
N LEU A 154 -0.51 -1.41 3.21
CA LEU A 154 -1.06 -2.77 3.15
C LEU A 154 -1.61 -3.08 4.52
N MET A 155 -2.94 -3.22 4.62
CA MET A 155 -3.67 -3.22 5.90
C MET A 155 -4.31 -4.57 6.15
N VAL A 156 -4.32 -5.01 7.40
CA VAL A 156 -5.19 -6.11 7.81
C VAL A 156 -5.98 -5.65 9.02
N PRO A 157 -7.25 -6.03 9.14
CA PRO A 157 -7.97 -5.77 10.39
C PRO A 157 -7.56 -6.76 11.47
N LEU A 158 -7.65 -6.32 12.73
CA LEU A 158 -7.53 -7.23 13.87
C LEU A 158 -8.93 -7.77 14.12
N TYR A 159 -9.26 -8.86 13.45
CA TYR A 159 -10.62 -9.38 13.39
C TYR A 159 -10.62 -10.83 13.84
N VAL A 160 -11.36 -11.12 14.91
CA VAL A 160 -11.39 -12.46 15.48
C VAL A 160 -12.66 -12.58 16.33
N ASN A 161 -13.23 -13.78 16.35
CA ASN A 161 -14.51 -14.01 17.05
C ASN A 161 -15.56 -13.01 16.59
N ASP A 162 -15.55 -12.71 15.30
CA ASP A 162 -16.53 -11.82 14.67
C ASP A 162 -16.50 -10.42 15.26
N GLN A 163 -15.36 -9.99 15.81
CA GLN A 163 -15.24 -8.65 16.37
C GLN A 163 -14.02 -7.94 15.81
N PHE A 164 -14.17 -6.63 15.61
CA PHE A 164 -13.10 -5.77 15.10
C PHE A 164 -12.44 -5.02 16.25
N TYR A 165 -11.10 -5.09 16.32
CA TYR A 165 -10.32 -4.47 17.39
C TYR A 165 -9.37 -3.38 16.94
N GLY A 166 -9.11 -3.26 15.64
CA GLY A 166 -8.11 -2.33 15.16
C GLY A 166 -7.54 -2.82 13.85
N VAL A 167 -6.41 -2.22 13.46
CA VAL A 167 -5.75 -2.59 12.21
C VAL A 167 -4.25 -2.63 12.41
N ALA A 168 -3.57 -3.36 11.51
CA ALA A 168 -2.12 -3.33 11.39
C ALA A 168 -1.78 -3.04 9.93
N GLY A 169 -0.69 -2.31 9.69
CA GLY A 169 -0.38 -1.90 8.33
C GLY A 169 1.10 -1.76 8.07
N LEU A 170 1.49 -2.00 6.81
CA LEU A 170 2.86 -1.84 6.35
C LEU A 170 2.86 -0.89 5.16
N ASP A 171 3.74 0.11 5.15
CA ASP A 171 3.70 1.18 4.14
C ASP A 171 4.82 1.05 3.12
N TYR A 172 4.51 1.31 1.85
CA TYR A 172 5.51 1.56 0.81
C TYR A 172 5.53 3.04 0.49
N GLN A 173 6.70 3.65 0.54
CA GLN A 173 6.88 4.97 -0.04
C GLN A 173 6.86 4.85 -1.57
N LEU A 174 6.03 5.67 -2.24
CA LEU A 174 5.90 5.46 -3.69
C LEU A 174 7.17 5.84 -4.44
N GLU A 175 7.96 6.77 -3.89
CA GLU A 175 9.23 7.12 -4.52
C GLU A 175 10.14 5.89 -4.60
N GLU A 176 10.05 5.02 -3.60
CA GLU A 176 10.83 3.79 -3.60
CA GLU A 176 10.83 3.79 -3.60
C GLU A 176 10.31 2.79 -4.63
N LEU A 177 8.98 2.61 -4.66
CA LEU A 177 8.37 1.73 -5.67
C LEU A 177 8.69 2.22 -7.08
N GLN A 178 8.73 3.53 -7.27
CA GLN A 178 9.03 4.08 -8.58
C GLN A 178 10.45 3.71 -8.99
N GLN A 179 11.39 3.72 -8.04
CA GLN A 179 12.76 3.36 -8.37
C GLN A 179 12.93 1.86 -8.55
N ARG A 180 12.16 1.04 -7.84
CA ARG A 180 12.33 -0.41 -7.93
C ARG A 180 11.61 -0.99 -9.15
N ILE A 181 10.44 -0.43 -9.49
CA ILE A 181 9.57 -0.94 -10.55
C ILE A 181 9.44 0.08 -11.67
N GLY A 182 9.15 1.34 -11.32
CA GLY A 182 8.75 2.32 -12.29
C GLY A 182 9.76 2.52 -13.40
N VAL A 183 11.03 2.26 -13.13
CA VAL A 183 12.08 2.52 -14.12
C VAL A 183 12.52 1.26 -14.87
N LYS A 184 11.91 0.11 -14.59
CA LYS A 184 12.29 -1.10 -15.32
C LYS A 184 11.76 -1.06 -16.75
N LYS A 185 12.58 -1.52 -17.68
CA LYS A 185 12.18 -1.60 -19.08
C LYS A 185 11.63 -2.99 -19.36
N PRO A 186 10.38 -3.13 -19.79
CA PRO A 186 9.76 -4.46 -19.84
C PRO A 186 10.24 -5.35 -20.97
N PHE A 187 10.68 -4.82 -22.11
CA PHE A 187 10.87 -5.67 -23.29
C PHE A 187 12.11 -5.20 -24.05
N GLN A 188 13.20 -5.97 -23.94
CA GLN A 188 14.43 -5.71 -24.69
C GLN A 188 14.92 -4.28 -24.44
N ASP A 189 14.88 -3.87 -23.17
CA ASP A 189 15.32 -2.55 -22.75
C ASP A 189 14.47 -1.42 -23.32
N LEU A 190 13.25 -1.73 -23.72
CA LEU A 190 12.33 -0.76 -24.31
C LEU A 190 10.99 -0.87 -23.59
N GLY A 191 10.16 0.15 -23.79
CA GLY A 191 8.84 0.14 -23.19
C GLY A 191 8.84 0.72 -21.79
N TYR A 192 7.68 0.62 -21.14
CA TYR A 192 7.57 1.14 -19.77
C TYR A 192 6.48 0.42 -19.01
N LEU A 193 6.55 0.54 -17.68
CA LEU A 193 5.64 -0.10 -16.74
C LEU A 193 4.85 0.96 -15.99
N THR A 194 3.63 0.60 -15.65
CA THR A 194 2.79 1.47 -14.85
C THR A 194 2.03 0.56 -13.89
N LEU A 195 1.81 1.00 -12.65
CA LEU A 195 0.96 0.26 -11.71
C LEU A 195 -0.18 1.18 -11.32
N ILE A 196 -1.42 0.74 -11.54
CA ILE A 196 -2.60 1.59 -11.36
C ILE A 196 -3.44 1.03 -10.23
N SER A 197 -3.86 1.89 -9.29
CA SER A 197 -4.66 1.46 -8.15
C SER A 197 -6.11 1.22 -8.59
N PRO A 198 -6.93 0.61 -7.74
CA PRO A 198 -8.30 0.31 -8.16
C PRO A 198 -9.11 1.56 -8.48
N LYS A 199 -8.82 2.68 -7.83
CA LYS A 199 -9.51 3.92 -8.14
C LYS A 199 -8.84 4.71 -9.26
N GLY A 200 -7.85 4.14 -9.94
CA GLY A 200 -7.29 4.79 -11.11
C GLY A 200 -6.16 5.74 -10.82
N ILE A 201 -5.47 5.58 -9.70
CA ILE A 201 -4.34 6.43 -9.30
C ILE A 201 -3.02 5.67 -9.53
N TYR A 202 -2.07 6.32 -10.17
CA TYR A 202 -0.78 5.70 -10.42
C TYR A 202 0.01 5.51 -9.13
N ALA A 203 0.44 4.27 -8.89
CA ALA A 203 1.39 4.00 -7.82
C ALA A 203 2.82 4.03 -8.35
N VAL A 204 2.97 3.71 -9.62
CA VAL A 204 4.25 3.73 -10.33
C VAL A 204 3.93 4.18 -11.75
N ASN A 205 4.81 4.99 -12.35
CA ASN A 205 4.56 5.39 -13.74
C ASN A 205 5.90 5.59 -14.45
N GLY A 206 6.25 4.63 -15.32
CA GLY A 206 7.49 4.71 -16.05
C GLY A 206 7.48 5.62 -17.26
N PHE A 207 6.31 6.13 -17.64
CA PHE A 207 6.23 7.07 -18.76
C PHE A 207 6.48 8.51 -18.30
N ASP A 208 6.01 8.86 -17.09
CA ASP A 208 6.13 10.22 -16.57
C ASP A 208 6.04 10.11 -15.06
N SER A 209 7.18 10.23 -14.38
CA SER A 209 7.20 10.03 -12.93
C SER A 209 6.40 11.09 -12.18
N ASN A 210 6.13 12.23 -12.81
CA ASN A 210 5.31 13.26 -12.18
C ASN A 210 3.85 12.84 -12.01
N ARG A 211 3.42 11.78 -12.70
CA ARG A 211 2.06 11.30 -12.57
C ARG A 211 1.87 10.37 -11.37
N VAL A 212 2.94 10.00 -10.67
CA VAL A 212 2.78 9.12 -9.51
C VAL A 212 1.94 9.83 -8.46
N GLY A 213 0.96 9.11 -7.90
CA GLY A 213 -0.01 9.68 -6.98
C GLY A 213 -1.14 10.45 -7.62
N GLU A 214 -1.18 10.56 -8.95
CA GLU A 214 -2.24 11.25 -9.67
CA GLU A 214 -2.25 11.25 -9.64
C GLU A 214 -3.20 10.25 -10.29
N LYS A 215 -4.44 10.70 -10.46
CA LYS A 215 -5.44 9.93 -11.20
C LYS A 215 -5.14 9.98 -12.68
N ILE A 216 -5.53 8.92 -13.39
CA ILE A 216 -5.60 8.95 -14.85
C ILE A 216 -6.27 10.26 -15.26
N SER A 217 -5.62 11.04 -16.12
CA SER A 217 -6.03 12.43 -16.30
C SER A 217 -7.14 12.62 -17.31
N ASP A 218 -7.26 11.75 -18.31
CA ASP A 218 -8.29 11.90 -19.32
C ASP A 218 -9.59 11.26 -18.86
N ALA A 219 -10.69 12.02 -18.93
CA ALA A 219 -11.95 11.56 -18.34
C ALA A 219 -12.43 10.24 -18.96
N LYS A 220 -12.41 10.14 -20.29
CA LYS A 220 -12.88 8.91 -20.93
C LYS A 220 -11.99 7.72 -20.61
N GLU A 221 -10.67 7.94 -20.55
CA GLU A 221 -9.75 6.85 -20.20
C GLU A 221 -9.96 6.39 -18.77
N LEU A 222 -10.17 7.33 -17.84
CA LEU A 222 -10.41 6.94 -16.45
C LEU A 222 -11.70 6.13 -16.34
N GLU A 223 -12.76 6.59 -17.01
CA GLU A 223 -14.03 5.85 -16.99
C GLU A 223 -13.84 4.45 -17.57
N TYR A 224 -13.14 4.36 -18.70
CA TYR A 224 -12.82 3.07 -19.29
C TYR A 224 -12.05 2.20 -18.31
N TYR A 225 -10.98 2.74 -17.72
CA TYR A 225 -10.18 1.99 -16.76
C TYR A 225 -11.05 1.43 -15.64
N LEU A 226 -11.92 2.27 -15.07
CA LEU A 226 -12.67 1.86 -13.89
C LEU A 226 -13.63 0.72 -14.21
N SER A 227 -14.26 0.76 -15.39
CA SER A 227 -15.16 -0.31 -15.83
C SER A 227 -14.40 -1.61 -16.06
N LYS A 228 -13.32 -1.56 -16.85
CA LYS A 228 -12.62 -2.79 -17.23
C LYS A 228 -11.83 -3.39 -16.08
N SER A 229 -11.15 -2.54 -15.29
CA SER A 229 -10.22 -3.08 -14.29
C SER A 229 -10.92 -4.00 -13.30
N GLN A 230 -12.12 -3.64 -12.85
CA GLN A 230 -12.70 -4.46 -11.80
C GLN A 230 -13.47 -5.65 -12.33
N GLU A 231 -13.60 -5.78 -13.66
CA GLU A 231 -14.06 -7.04 -14.24
C GLU A 231 -13.01 -8.14 -14.13
N GLY A 232 -11.74 -7.78 -14.00
CA GLY A 232 -10.70 -8.73 -13.66
C GLY A 232 -10.04 -9.46 -14.80
N GLU A 233 -10.42 -9.22 -16.05
CA GLU A 233 -9.81 -9.91 -17.19
C GLU A 233 -8.80 -9.00 -17.89
N LYS A 234 -7.77 -9.62 -18.47
CA LYS A 234 -6.73 -8.86 -19.17
C LYS A 234 -7.32 -8.14 -20.38
N PHE A 235 -6.81 -6.93 -20.67
CA PHE A 235 -7.27 -6.19 -21.82
C PHE A 235 -6.11 -5.39 -22.43
N THR A 236 -6.35 -4.84 -23.63
CA THR A 236 -5.28 -4.20 -24.38
C THR A 236 -5.83 -3.02 -25.16
N THR A 237 -5.01 -1.98 -25.31
CA THR A 237 -5.31 -0.83 -26.14
C THR A 237 -4.09 -0.49 -26.99
N ASP A 238 -4.32 0.30 -28.05
CA ASP A 238 -3.26 0.81 -28.89
C ASP A 238 -3.28 2.33 -28.82
N SER A 239 -2.12 2.93 -28.70
CA SER A 239 -1.97 4.38 -28.85
C SER A 239 -0.99 4.67 -29.97
N ASP A 240 -0.68 5.94 -30.15
CA ASP A 240 0.42 6.32 -31.03
C ASP A 240 1.73 5.79 -30.45
N GLY A 241 2.34 4.87 -31.18
CA GLY A 241 3.63 4.34 -30.86
C GLY A 241 3.60 3.02 -30.12
N TYR A 242 2.56 2.77 -29.32
CA TYR A 242 2.59 1.73 -28.30
C TYR A 242 1.42 0.76 -28.41
N THR A 243 1.66 -0.46 -27.97
CA THR A 243 0.60 -1.40 -27.60
C THR A 243 0.63 -1.49 -26.09
N HIS A 244 -0.54 -1.39 -25.45
CA HIS A 244 -0.64 -1.40 -23.99
C HIS A 244 -1.35 -2.67 -23.53
N TYR A 245 -0.78 -3.32 -22.51
CA TYR A 245 -1.35 -4.51 -21.91
C TYR A 245 -1.74 -4.17 -20.47
N TYR A 246 -2.97 -4.52 -20.09
CA TYR A 246 -3.47 -4.23 -18.75
C TYR A 246 -3.87 -5.54 -18.08
N PHE A 247 -3.17 -5.90 -16.99
CA PHE A 247 -3.44 -7.16 -16.30
C PHE A 247 -3.96 -6.88 -14.89
N PRO A 248 -5.26 -7.08 -14.62
CA PRO A 248 -5.77 -6.97 -13.24
C PRO A 248 -5.26 -8.09 -12.37
N PHE A 249 -4.97 -7.75 -11.11
CA PHE A 249 -4.53 -8.74 -10.13
C PHE A 249 -4.90 -8.29 -8.72
N HIS A 250 -4.88 -9.26 -7.79
CA HIS A 250 -5.14 -9.01 -6.38
C HIS A 250 -3.83 -8.99 -5.57
N ILE A 251 -3.84 -8.20 -4.49
CA ILE A 251 -2.79 -8.24 -3.46
C ILE A 251 -3.34 -9.02 -2.27
N GLY A 252 -2.71 -10.13 -1.92
CA GLY A 252 -3.19 -10.91 -0.79
C GLY A 252 -4.65 -11.35 -0.97
N LYS A 253 -5.41 -11.22 0.13
CA LYS A 253 -6.82 -11.58 0.17
C LYS A 253 -7.75 -10.42 -0.13
N ASP A 254 -7.19 -9.27 -0.54
CA ASP A 254 -7.99 -8.09 -0.90
C ASP A 254 -8.68 -8.36 -2.23
N LYS A 255 -10.00 -8.15 -2.30
CA LYS A 255 -10.74 -8.46 -3.52
C LYS A 255 -10.75 -7.31 -4.55
N ARG A 256 -10.21 -6.14 -4.23
CA ARG A 256 -10.07 -5.12 -5.28
C ARG A 256 -8.99 -5.52 -6.27
N TYR A 257 -9.17 -5.10 -7.53
CA TYR A 257 -8.17 -5.35 -8.56
C TYR A 257 -7.27 -4.12 -8.75
N TRP A 258 -5.98 -4.33 -8.60
CA TRP A 258 -4.92 -3.45 -9.09
C TRP A 258 -4.63 -3.84 -10.52
N VAL A 259 -3.97 -2.95 -11.26
CA VAL A 259 -3.69 -3.25 -12.66
C VAL A 259 -2.23 -2.98 -12.97
N MET A 260 -1.54 -3.99 -13.51
CA MET A 260 -0.22 -3.80 -14.09
C MET A 260 -0.38 -3.43 -15.55
N GLN A 261 0.13 -2.26 -15.92
CA GLN A 261 0.16 -1.79 -17.30
C GLN A 261 1.56 -2.02 -17.85
N VAL A 262 1.64 -2.66 -19.02
CA VAL A 262 2.92 -2.91 -19.67
C VAL A 262 2.78 -2.36 -21.08
N SER A 263 3.64 -1.40 -21.42
CA SER A 263 3.51 -0.66 -22.68
C SER A 263 4.75 -0.88 -23.53
N ILE A 264 4.55 -1.32 -24.77
CA ILE A 264 5.63 -1.77 -25.64
CA ILE A 264 5.65 -1.74 -25.63
C ILE A 264 5.58 -0.98 -26.94
N PRO A 265 6.69 -0.43 -27.43
CA PRO A 265 6.67 0.32 -28.68
C PRO A 265 6.35 -0.57 -29.87
N ASN A 266 5.59 -0.02 -30.82
CA ASN A 266 5.18 -0.77 -32.00
C ASN A 266 6.34 -1.17 -32.90
N SER A 267 7.48 -0.47 -32.81
CA SER A 267 8.64 -0.76 -33.66
C SER A 267 9.05 -2.23 -33.60
CL CL B . -4.14 -14.33 6.59
C1 EDO C . -12.14 5.98 14.47
O1 EDO C . -12.35 4.81 15.30
C2 EDO C . -13.49 6.61 14.09
O2 EDO C . -14.31 5.67 13.36
C1 EDO D . 7.22 11.70 -1.35
O1 EDO D . 6.01 12.38 -1.03
C2 EDO D . 7.67 10.90 -0.13
O2 EDO D . 8.82 10.12 -0.48
#